data_5A2A
#
_entry.id   5A2A
#
_cell.length_a   61.429
_cell.length_b   63.443
_cell.length_c   122.758
_cell.angle_alpha   90.00
_cell.angle_beta   90.00
_cell.angle_gamma   90.00
#
_symmetry.space_group_name_H-M   'P 21 21 21'
#
loop_
_entity.id
_entity.type
_entity.pdbx_description
1 polymer 'APO FORM OF ANOXYBACILLUS ALPHA-AMYLASES'
2 non-polymer 'ACETATE ION'
3 non-polymer 'CALCIUM ION'
4 water water
#
_entity_poly.entity_id   1
_entity_poly.type   'polypeptide(L)'
_entity_poly.pdbx_seq_one_letter_code
;KTERTWQDERIYFIMVDRFNNGNPKNDYEVDVHDPKAYHGGDLQGIIDKLDYIKEMGFTAIWLTPIFANEKGGYHGYWIE
DFYKVEEHFGTLDDFKRLVKEAHKRDMKVILDFVVNHTGYNHPWLNDPAKKDWFHEKKDIFNWANQQEVENGWLFGLPDL
AQENPEVKTYLFDVAKWWIQETDIDGYRLDTVKHVPKWFWDEFAKEVKSVKQDFFLLGEVWHDDPRYVAEYGKHGIDALI
DFPFYKEASTIFSNVDQSLEPLYNVWKRNVAFYERPYLLGTFLDNHDTVRFTRLALQNRINPVTRLKLGLTYLFSAPGIP
IMYYGTEIALDGGEDPDNRRLMNFRTDKELIDYVTKLGELRAKLPSLRRGDFELLYEKDGMALFKRTYEKETTVIAINNT
SKTQKVTLDGELEQGKELRGLLAGDLVRSKDGKYDIILDRETAEIYVLAPKTGL
;
_entity_poly.pdbx_strand_id   A
#
# COMPACT_ATOMS: atom_id res chain seq x y z
N GLU A 3 5.10 16.46 14.89
CA GLU A 3 3.72 16.25 14.32
C GLU A 3 3.65 15.38 13.03
N ARG A 4 2.54 14.66 12.93
CA ARG A 4 2.33 13.60 11.94
C ARG A 4 2.43 14.05 10.49
N THR A 5 3.23 13.34 9.69
CA THR A 5 3.26 13.56 8.18
C THR A 5 2.92 12.24 7.46
N TRP A 6 2.67 12.28 6.15
CA TRP A 6 2.28 11.01 5.44
C TRP A 6 3.44 10.09 5.29
N GLN A 7 4.67 10.64 5.32
CA GLN A 7 5.91 9.78 5.52
C GLN A 7 5.89 8.90 6.77
N ASP A 8 5.13 9.32 7.79
CA ASP A 8 5.09 8.57 9.07
C ASP A 8 4.06 7.48 9.15
N GLU A 9 3.21 7.43 8.12
CA GLU A 9 1.97 6.60 8.08
C GLU A 9 2.24 5.17 7.69
N ARG A 10 1.49 4.26 8.36
CA ARG A 10 1.39 2.88 7.87
C ARG A 10 -0.04 2.52 7.50
N ILE A 11 -0.17 2.09 6.26
CA ILE A 11 -1.44 1.83 5.71
C ILE A 11 -1.88 0.35 5.63
N TYR A 12 -2.99 0.11 6.29
CA TYR A 12 -3.67 -1.22 6.10
C TYR A 12 -4.73 -1.08 5.01
N PHE A 13 -4.49 -1.85 3.96
CA PHE A 13 -5.31 -1.90 2.74
C PHE A 13 -6.35 -3.01 2.71
N ILE A 14 -7.61 -2.59 2.49
CA ILE A 14 -8.80 -3.48 2.65
C ILE A 14 -9.66 -3.52 1.34
N MET A 15 -9.93 -4.70 0.84
CA MET A 15 -11.06 -4.88 -0.11
C MET A 15 -12.27 -5.19 0.77
N VAL A 16 -13.15 -4.20 0.85
CA VAL A 16 -14.31 -4.18 1.69
C VAL A 16 -15.03 -5.51 1.64
N ASP A 17 -15.36 -5.97 0.44
CA ASP A 17 -16.19 -7.16 0.34
C ASP A 17 -15.47 -8.40 0.90
N ARG A 18 -14.16 -8.37 0.85
CA ARG A 18 -13.40 -9.59 1.10
C ARG A 18 -12.76 -9.64 2.49
N PHE A 19 -13.10 -8.62 3.29
CA PHE A 19 -12.38 -8.43 4.58
C PHE A 19 -13.17 -8.99 5.77
N ASN A 20 -14.22 -8.29 6.23
CA ASN A 20 -14.95 -8.80 7.41
C ASN A 20 -16.47 -8.68 7.27
N ASN A 21 -17.22 -9.79 7.22
CA ASN A 21 -18.67 -9.67 7.09
C ASN A 21 -19.27 -9.35 8.45
N GLY A 22 -19.39 -8.04 8.71
CA GLY A 22 -19.87 -7.55 10.01
C GLY A 22 -21.39 -7.40 10.16
N ASN A 23 -22.09 -7.35 9.03
CA ASN A 23 -23.55 -7.31 9.06
C ASN A 23 -24.10 -8.46 8.31
N PRO A 24 -24.68 -9.43 8.99
CA PRO A 24 -25.12 -10.46 8.05
C PRO A 24 -26.38 -10.10 7.19
N LYS A 25 -27.08 -9.03 7.50
CA LYS A 25 -28.35 -8.70 6.82
C LYS A 25 -28.21 -7.95 5.46
N ASN A 26 -27.02 -7.53 5.13
CA ASN A 26 -26.78 -6.86 3.81
C ASN A 26 -26.07 -7.83 2.87
N ASP A 27 -26.22 -9.11 3.14
CA ASP A 27 -25.58 -10.09 2.28
C ASP A 27 -26.31 -10.51 0.94
N TYR A 28 -26.72 -9.56 0.10
CA TYR A 28 -27.61 -9.88 -1.04
C TYR A 28 -26.98 -10.76 -2.13
N GLU A 29 -27.51 -11.97 -2.32
CA GLU A 29 -26.86 -12.94 -3.25
C GLU A 29 -25.31 -13.04 -3.03
N VAL A 30 -24.88 -12.93 -1.80
CA VAL A 30 -23.56 -13.39 -1.39
C VAL A 30 -23.41 -14.85 -1.70
N ASP A 31 -22.31 -15.19 -2.35
CA ASP A 31 -21.98 -16.56 -2.60
C ASP A 31 -20.47 -16.74 -2.55
N VAL A 32 -20.01 -17.22 -1.41
CA VAL A 32 -18.59 -17.36 -1.04
C VAL A 32 -17.94 -18.45 -1.92
N HIS A 33 -18.76 -19.25 -2.60
CA HIS A 33 -18.22 -20.30 -3.50
C HIS A 33 -18.15 -19.87 -4.99
N ASP A 34 -18.67 -18.71 -5.32
CA ASP A 34 -18.41 -18.06 -6.59
C ASP A 34 -17.30 -16.95 -6.38
N PRO A 35 -16.11 -17.12 -6.98
CA PRO A 35 -15.05 -16.17 -6.73
C PRO A 35 -15.35 -14.84 -7.37
N LYS A 36 -16.47 -14.72 -8.10
CA LYS A 36 -16.80 -13.38 -8.57
C LYS A 36 -18.05 -12.74 -7.99
N ALA A 37 -18.63 -13.36 -6.97
CA ALA A 37 -19.77 -12.76 -6.28
C ALA A 37 -19.34 -11.88 -5.12
N TYR A 38 -20.32 -11.21 -4.47
CA TYR A 38 -20.05 -10.61 -3.18
C TYR A 38 -19.92 -11.72 -2.15
N HIS A 39 -18.90 -11.61 -1.30
CA HIS A 39 -18.64 -12.59 -0.27
C HIS A 39 -19.09 -12.16 1.12
N GLY A 40 -19.50 -10.90 1.29
CA GLY A 40 -20.21 -10.54 2.54
C GLY A 40 -19.52 -9.46 3.33
N GLY A 41 -18.22 -9.21 3.09
CA GLY A 41 -17.64 -8.13 3.88
C GLY A 41 -18.27 -6.74 3.65
N ASP A 42 -18.18 -5.92 4.71
CA ASP A 42 -18.96 -4.70 4.77
C ASP A 42 -18.28 -3.68 5.72
N LEU A 43 -18.96 -2.56 5.93
CA LEU A 43 -18.38 -1.45 6.62
C LEU A 43 -18.43 -1.70 8.13
N GLN A 44 -19.50 -2.35 8.55
CA GLN A 44 -19.64 -2.86 9.93
C GLN A 44 -18.48 -3.77 10.19
N GLY A 45 -18.17 -4.59 9.19
CA GLY A 45 -17.02 -5.47 9.27
C GLY A 45 -15.71 -4.79 9.66
N ILE A 46 -15.52 -3.61 9.11
CA ILE A 46 -14.30 -2.93 9.20
C ILE A 46 -14.25 -2.18 10.53
N ILE A 47 -15.31 -1.45 10.86
CA ILE A 47 -15.45 -0.91 12.18
C ILE A 47 -15.07 -1.99 13.25
N ASP A 48 -15.59 -3.21 13.14
CA ASP A 48 -15.31 -4.18 14.24
C ASP A 48 -13.84 -4.54 14.34
N LYS A 49 -13.10 -4.24 13.27
CA LYS A 49 -11.71 -4.68 13.23
C LYS A 49 -10.75 -3.47 13.34
N LEU A 50 -11.28 -2.29 13.63
CA LEU A 50 -10.38 -1.14 13.84
C LEU A 50 -9.37 -1.40 14.90
N ASP A 51 -9.73 -1.93 16.11
CA ASP A 51 -8.68 -2.11 17.14
C ASP A 51 -7.64 -3.14 16.74
N TYR A 52 -8.09 -4.15 15.99
CA TYR A 52 -7.18 -5.22 15.56
C TYR A 52 -6.12 -4.66 14.62
N ILE A 53 -6.61 -3.74 13.77
CA ILE A 53 -5.77 -3.10 12.78
C ILE A 53 -4.83 -2.16 13.47
N LYS A 54 -5.37 -1.30 14.35
CA LYS A 54 -4.55 -0.34 15.05
C LYS A 54 -3.49 -0.99 15.92
N GLU A 55 -3.85 -2.08 16.56
CA GLU A 55 -2.96 -2.88 17.43
C GLU A 55 -1.74 -3.38 16.71
N MET A 56 -1.89 -3.78 15.44
CA MET A 56 -0.73 -4.03 14.49
C MET A 56 0.24 -2.90 14.18
N GLY A 57 -0.07 -1.69 14.66
CA GLY A 57 0.68 -0.48 14.36
C GLY A 57 0.18 0.32 13.16
N PHE A 58 -0.97 -0.05 12.54
CA PHE A 58 -1.40 0.70 11.35
C PHE A 58 -2.05 2.04 11.73
N THR A 59 -1.74 3.10 10.99
CA THR A 59 -2.19 4.47 11.37
C THR A 59 -3.21 5.02 10.38
N ALA A 60 -3.57 4.21 9.35
CA ALA A 60 -4.44 4.66 8.22
C ALA A 60 -5.04 3.42 7.50
N ILE A 61 -6.23 3.52 6.93
CA ILE A 61 -6.84 2.41 6.14
C ILE A 61 -7.22 2.96 4.81
N TRP A 62 -6.95 2.15 3.82
CA TRP A 62 -7.34 2.41 2.46
C TRP A 62 -8.37 1.35 2.22
N LEU A 63 -9.58 1.81 1.86
CA LEU A 63 -10.71 0.96 1.42
C LEU A 63 -10.87 1.00 -0.12
N THR A 64 -11.03 -0.18 -0.76
CA THR A 64 -11.49 -0.28 -2.15
C THR A 64 -12.82 0.43 -2.32
N PRO A 65 -13.25 0.70 -3.57
CA PRO A 65 -14.26 1.82 -3.58
C PRO A 65 -15.58 1.42 -2.93
N ILE A 66 -16.28 2.35 -2.31
CA ILE A 66 -17.47 1.98 -1.56
C ILE A 66 -18.74 2.37 -2.33
N PHE A 67 -18.55 3.00 -3.50
CA PHE A 67 -19.70 3.60 -4.26
C PHE A 67 -20.52 2.49 -4.85
N ALA A 68 -21.84 2.68 -4.93
CA ALA A 68 -22.70 1.72 -5.58
C ALA A 68 -22.19 1.18 -6.87
N ASN A 69 -22.10 -0.12 -6.92
CA ASN A 69 -21.67 -0.79 -8.12
C ASN A 69 -22.80 -1.62 -8.74
N GLU A 70 -22.72 -1.82 -10.06
CA GLU A 70 -23.57 -2.75 -10.70
C GLU A 70 -23.24 -4.24 -10.30
N LYS A 71 -23.96 -5.18 -10.90
CA LYS A 71 -23.81 -6.60 -10.61
C LYS A 71 -22.43 -7.07 -10.90
N GLY A 72 -21.89 -7.93 -10.03
CA GLY A 72 -20.55 -8.46 -10.20
C GLY A 72 -19.47 -7.47 -9.76
N GLY A 73 -19.89 -6.37 -9.13
CA GLY A 73 -18.94 -5.24 -8.81
C GLY A 73 -18.42 -5.38 -7.41
N TYR A 74 -18.12 -6.64 -7.02
CA TYR A 74 -17.84 -6.90 -5.64
C TYR A 74 -16.56 -6.13 -5.14
N HIS A 75 -15.65 -5.84 -6.07
CA HIS A 75 -14.41 -5.12 -5.89
C HIS A 75 -14.62 -3.61 -5.79
N GLY A 76 -15.78 -3.10 -6.26
CA GLY A 76 -16.10 -1.66 -6.18
C GLY A 76 -15.72 -0.84 -7.41
N TYR A 77 -15.07 -1.41 -8.41
CA TYR A 77 -14.61 -0.54 -9.51
C TYR A 77 -15.49 -0.36 -10.72
N TRP A 78 -16.74 -0.90 -10.68
CA TRP A 78 -17.73 -0.74 -11.77
C TRP A 78 -18.90 -0.01 -11.20
N ILE A 79 -18.72 1.28 -11.04
CA ILE A 79 -19.62 2.17 -10.34
C ILE A 79 -20.88 2.39 -11.15
N GLU A 80 -21.96 2.40 -10.42
CA GLU A 80 -23.34 2.61 -10.95
C GLU A 80 -23.85 3.96 -10.43
N ASP A 81 -23.41 4.36 -9.23
CA ASP A 81 -23.89 5.63 -8.67
C ASP A 81 -22.79 6.17 -7.78
N PHE A 82 -22.25 7.31 -8.21
CA PHE A 82 -21.17 8.01 -7.45
C PHE A 82 -21.59 8.64 -6.17
N TYR A 83 -22.91 8.70 -5.94
CA TYR A 83 -23.46 9.38 -4.76
C TYR A 83 -24.08 8.47 -3.76
N LYS A 84 -23.86 7.16 -3.92
CA LYS A 84 -24.55 6.19 -3.10
C LYS A 84 -23.52 5.17 -2.61
N VAL A 85 -23.63 4.79 -1.36
CA VAL A 85 -22.75 3.74 -0.85
C VAL A 85 -23.37 2.40 -1.35
N GLU A 86 -22.56 1.53 -1.93
CA GLU A 86 -22.91 0.15 -2.19
C GLU A 86 -23.70 -0.55 -1.06
N GLU A 87 -24.84 -1.08 -1.46
CA GLU A 87 -25.85 -1.57 -0.53
C GLU A 87 -25.35 -2.78 0.29
N HIS A 88 -24.60 -3.69 -0.37
CA HIS A 88 -23.90 -4.80 0.33
C HIS A 88 -22.95 -4.27 1.42
N PHE A 89 -22.44 -3.05 1.26
CA PHE A 89 -21.41 -2.58 2.30
C PHE A 89 -22.01 -1.92 3.57
N GLY A 90 -23.17 -1.31 3.42
CA GLY A 90 -23.70 -0.46 4.43
C GLY A 90 -24.52 0.67 3.85
N THR A 91 -24.79 1.61 4.74
CA THR A 91 -25.46 2.86 4.40
C THR A 91 -24.41 4.04 4.52
N LEU A 92 -24.77 5.22 4.03
CA LEU A 92 -23.94 6.41 4.18
C LEU A 92 -23.62 6.62 5.64
N ASP A 93 -24.67 6.50 6.49
CA ASP A 93 -24.49 6.59 7.94
C ASP A 93 -23.45 5.63 8.53
N ASP A 94 -23.50 4.38 8.10
CA ASP A 94 -22.55 3.39 8.52
C ASP A 94 -21.11 3.88 8.16
N PHE A 95 -20.96 4.51 7.00
CA PHE A 95 -19.69 4.95 6.56
C PHE A 95 -19.28 6.18 7.37
N LYS A 96 -20.21 7.06 7.76
CA LYS A 96 -19.80 8.23 8.55
C LYS A 96 -19.28 7.76 9.94
N ARG A 97 -19.87 6.68 10.43
CA ARG A 97 -19.57 6.12 11.75
C ARG A 97 -18.22 5.45 11.67
N LEU A 98 -17.96 4.78 10.57
CA LEU A 98 -16.63 4.22 10.37
C LEU A 98 -15.54 5.30 10.44
N VAL A 99 -15.67 6.39 9.68
CA VAL A 99 -14.65 7.46 9.74
C VAL A 99 -14.50 7.95 11.20
N LYS A 100 -15.63 8.07 11.87
CA LYS A 100 -15.68 8.59 13.22
C LYS A 100 -14.92 7.67 14.09
N GLU A 101 -15.07 6.36 13.83
CA GLU A 101 -14.40 5.34 14.68
C GLU A 101 -12.87 5.21 14.50
N ALA A 102 -12.45 5.50 13.28
CA ALA A 102 -11.04 5.53 12.87
C ALA A 102 -10.42 6.76 13.39
N HIS A 103 -11.14 7.87 13.30
CA HIS A 103 -10.62 9.12 13.77
C HIS A 103 -10.45 9.13 15.26
N LYS A 104 -11.41 8.56 15.97
CA LYS A 104 -11.29 8.32 17.39
C LYS A 104 -10.03 7.55 17.76
N ARG A 105 -9.71 6.53 16.97
CA ARG A 105 -8.51 5.76 17.12
C ARG A 105 -7.23 6.43 16.59
N ASP A 106 -7.31 7.71 16.20
CA ASP A 106 -6.18 8.41 15.55
C ASP A 106 -5.79 7.85 14.14
N MET A 107 -6.69 7.19 13.46
CA MET A 107 -6.32 6.50 12.18
C MET A 107 -6.90 7.29 11.07
N LYS A 108 -6.19 7.39 9.94
CA LYS A 108 -6.70 8.13 8.78
C LYS A 108 -7.43 7.18 7.85
N VAL A 109 -8.40 7.74 7.13
CA VAL A 109 -9.20 6.92 6.19
C VAL A 109 -9.01 7.40 4.76
N ILE A 110 -8.51 6.50 3.90
CA ILE A 110 -8.39 6.79 2.48
C ILE A 110 -9.43 5.93 1.70
N LEU A 111 -10.26 6.61 0.93
CA LEU A 111 -11.09 6.00 -0.14
C LEU A 111 -10.43 5.92 -1.51
N ASP A 112 -10.66 4.75 -2.08
CA ASP A 112 -10.32 4.48 -3.45
C ASP A 112 -11.31 5.29 -4.24
N PHE A 113 -10.89 5.96 -5.32
CA PHE A 113 -11.75 6.86 -6.02
C PHE A 113 -11.46 6.79 -7.49
N VAL A 114 -12.50 6.64 -8.29
CA VAL A 114 -12.36 6.33 -9.67
C VAL A 114 -12.92 7.45 -10.58
N VAL A 115 -12.12 7.92 -11.53
CA VAL A 115 -12.59 9.05 -12.37
C VAL A 115 -12.58 8.64 -13.84
N ASN A 116 -11.86 7.54 -14.11
CA ASN A 116 -11.61 7.07 -15.43
C ASN A 116 -12.87 6.56 -16.13
N HIS A 117 -13.73 5.89 -15.39
CA HIS A 117 -14.75 5.05 -16.01
C HIS A 117 -15.88 4.70 -15.07
N THR A 118 -17.01 4.23 -15.67
CA THR A 118 -18.19 3.77 -14.95
C THR A 118 -18.21 2.27 -15.07
N GLY A 119 -19.13 1.63 -14.40
CA GLY A 119 -19.38 0.22 -14.67
C GLY A 119 -19.83 0.09 -16.13
N TYR A 120 -19.88 -1.14 -16.61
CA TYR A 120 -20.33 -1.44 -17.94
C TYR A 120 -21.80 -1.05 -18.21
N ASN A 121 -22.66 -1.03 -17.20
CA ASN A 121 -24.11 -0.82 -17.42
C ASN A 121 -24.64 0.41 -16.75
N HIS A 122 -23.75 1.35 -16.52
CA HIS A 122 -24.19 2.62 -15.90
C HIS A 122 -25.29 3.33 -16.74
N PRO A 123 -26.36 3.79 -16.06
CA PRO A 123 -27.45 4.51 -16.71
C PRO A 123 -27.11 5.59 -17.72
N TRP A 124 -26.07 6.40 -17.46
CA TRP A 124 -25.72 7.49 -18.37
C TRP A 124 -25.53 6.96 -19.78
N LEU A 125 -25.07 5.71 -19.90
CA LEU A 125 -24.89 5.07 -21.21
C LEU A 125 -26.19 5.08 -22.07
N ASN A 126 -27.29 5.38 -21.44
CA ASN A 126 -28.60 5.30 -22.10
C ASN A 126 -29.25 6.63 -22.24
N ASP A 127 -28.65 7.63 -21.60
CA ASP A 127 -29.20 8.96 -21.49
C ASP A 127 -28.68 9.63 -22.74
N PRO A 128 -29.59 10.09 -23.66
CA PRO A 128 -29.19 10.85 -24.87
C PRO A 128 -28.49 12.19 -24.61
N ALA A 129 -28.84 12.86 -23.52
CA ALA A 129 -28.19 14.12 -23.13
C ALA A 129 -26.72 13.91 -22.76
N LYS A 130 -26.28 12.67 -22.52
CA LYS A 130 -24.95 12.39 -22.00
C LYS A 130 -24.07 11.56 -22.92
N LYS A 131 -24.29 11.62 -24.22
CA LYS A 131 -23.52 10.74 -25.08
C LYS A 131 -22.11 11.25 -25.27
N ASP A 132 -21.93 12.57 -25.21
CA ASP A 132 -20.59 13.18 -25.17
C ASP A 132 -19.91 13.17 -23.76
N TRP A 133 -20.49 12.39 -22.87
CA TRP A 133 -19.87 12.13 -21.54
C TRP A 133 -18.79 11.06 -21.67
N PHE A 134 -18.82 10.32 -22.76
CA PHE A 134 -17.93 9.17 -22.90
C PHE A 134 -17.08 9.35 -24.15
N HIS A 135 -15.83 8.91 -24.09
CA HIS A 135 -15.06 8.72 -25.32
C HIS A 135 -15.62 7.58 -26.21
N GLU A 136 -15.32 7.69 -27.51
CA GLU A 136 -15.71 6.70 -28.50
C GLU A 136 -15.26 5.34 -28.05
N LYS A 137 -16.12 4.34 -28.18
CA LYS A 137 -15.74 3.09 -27.57
C LYS A 137 -14.69 2.41 -28.42
N LYS A 138 -13.47 2.35 -27.92
CA LYS A 138 -12.35 1.71 -28.62
C LYS A 138 -11.47 1.04 -27.60
N ASP A 139 -10.82 -0.07 -27.95
CA ASP A 139 -9.80 -0.70 -27.05
C ASP A 139 -8.54 0.13 -27.13
N ILE A 140 -7.65 -0.13 -26.18
CA ILE A 140 -6.29 0.38 -26.25
C ILE A 140 -5.44 -0.65 -26.98
N PHE A 141 -4.85 -0.23 -28.10
CA PHE A 141 -3.93 -1.11 -28.81
C PHE A 141 -2.46 -0.68 -28.65
N ASN A 142 -2.09 0.51 -29.08
CA ASN A 142 -0.74 0.98 -28.76
C ASN A 142 -0.68 1.58 -27.37
N TRP A 143 -0.12 0.80 -26.44
CA TRP A 143 0.10 1.20 -25.08
C TRP A 143 1.24 2.19 -24.97
N ALA A 144 1.87 2.50 -26.10
CA ALA A 144 2.93 3.48 -26.09
C ALA A 144 2.31 4.77 -26.55
N ASN A 145 1.09 4.68 -27.07
CA ASN A 145 0.36 5.89 -27.34
C ASN A 145 -0.43 6.27 -26.09
N GLN A 146 0.19 7.19 -25.34
CA GLN A 146 -0.38 7.72 -24.11
C GLN A 146 -1.72 8.40 -24.29
N GLN A 147 -1.98 8.97 -25.47
CA GLN A 147 -3.30 9.59 -25.73
C GLN A 147 -4.36 8.54 -25.99
N GLU A 148 -3.98 7.52 -26.73
CA GLU A 148 -4.73 6.30 -26.85
C GLU A 148 -5.04 5.64 -25.49
N VAL A 149 -4.02 5.57 -24.61
CA VAL A 149 -4.16 4.97 -23.26
C VAL A 149 -5.17 5.77 -22.42
N GLU A 150 -5.18 7.08 -22.61
CA GLU A 150 -6.08 7.99 -21.90
C GLU A 150 -7.47 7.94 -22.53
N ASN A 151 -7.57 7.61 -23.81
CA ASN A 151 -8.87 7.70 -24.53
C ASN A 151 -9.64 6.42 -24.81
N GLY A 152 -8.92 5.33 -24.77
CA GLY A 152 -9.46 3.99 -24.88
C GLY A 152 -10.31 3.49 -23.69
N TRP A 153 -11.13 2.50 -23.99
CA TRP A 153 -11.93 1.93 -22.96
C TRP A 153 -11.13 0.77 -22.39
N LEU A 154 -10.49 0.99 -21.24
CA LEU A 154 -9.77 -0.07 -20.53
C LEU A 154 -10.68 -1.29 -20.20
N PHE A 155 -10.29 -2.48 -20.57
CA PHE A 155 -11.13 -3.66 -20.28
C PHE A 155 -12.62 -3.49 -20.75
N GLY A 156 -12.85 -2.62 -21.72
CA GLY A 156 -14.19 -2.32 -22.27
C GLY A 156 -15.00 -1.42 -21.36
N LEU A 157 -14.33 -0.78 -20.37
CA LEU A 157 -15.03 0.07 -19.38
C LEU A 157 -15.33 1.46 -19.91
N PRO A 158 -16.63 1.78 -19.97
CA PRO A 158 -16.98 3.13 -20.39
C PRO A 158 -16.02 4.24 -19.93
N ASP A 159 -15.31 4.79 -20.91
CA ASP A 159 -14.30 5.76 -20.60
C ASP A 159 -14.89 7.16 -20.51
N LEU A 160 -14.86 7.74 -19.31
CA LEU A 160 -15.40 9.07 -19.14
C LEU A 160 -14.57 10.09 -19.90
N ALA A 161 -15.25 11.06 -20.48
CA ALA A 161 -14.58 12.15 -21.21
C ALA A 161 -14.36 13.39 -20.34
N GLN A 162 -13.25 13.43 -19.62
CA GLN A 162 -12.98 14.61 -18.80
C GLN A 162 -12.84 15.92 -19.53
N GLU A 163 -12.61 15.86 -20.86
CA GLU A 163 -12.52 17.01 -21.76
C GLU A 163 -13.83 17.82 -21.86
N ASN A 164 -14.92 17.17 -21.56
CA ASN A 164 -16.26 17.74 -21.54
C ASN A 164 -16.41 18.41 -20.14
N PRO A 165 -16.64 19.74 -20.09
CA PRO A 165 -16.68 20.50 -18.81
C PRO A 165 -17.75 19.90 -17.87
N GLU A 166 -18.86 19.41 -18.45
CA GLU A 166 -19.89 18.72 -17.70
C GLU A 166 -19.39 17.48 -16.94
N VAL A 167 -18.58 16.64 -17.59
CA VAL A 167 -17.98 15.49 -16.93
C VAL A 167 -16.99 15.91 -15.80
N LYS A 168 -16.09 16.83 -16.12
CA LYS A 168 -15.10 17.37 -15.19
C LYS A 168 -15.79 17.89 -13.99
N THR A 169 -16.84 18.71 -14.19
CA THR A 169 -17.56 19.29 -13.03
C THR A 169 -18.23 18.32 -12.17
N TYR A 170 -18.82 17.32 -12.82
CA TYR A 170 -19.49 16.30 -12.13
C TYR A 170 -18.46 15.58 -11.27
N LEU A 171 -17.30 15.25 -11.86
CA LEU A 171 -16.26 14.53 -11.10
C LEU A 171 -15.69 15.32 -9.90
N PHE A 172 -15.39 16.57 -10.12
CA PHE A 172 -14.94 17.44 -9.01
C PHE A 172 -15.99 17.55 -7.90
N ASP A 173 -17.26 17.65 -8.31
CA ASP A 173 -18.39 17.85 -7.39
C ASP A 173 -18.60 16.60 -6.57
N VAL A 174 -18.48 15.44 -7.17
CA VAL A 174 -18.49 14.17 -6.37
C VAL A 174 -17.26 14.05 -5.48
N ALA A 175 -16.10 14.36 -5.99
CA ALA A 175 -14.87 14.28 -5.18
C ALA A 175 -15.00 15.18 -3.95
N LYS A 176 -15.50 16.42 -4.15
CA LYS A 176 -15.55 17.37 -3.06
C LYS A 176 -16.59 16.98 -2.07
N TRP A 177 -17.75 16.48 -2.60
CA TRP A 177 -18.87 16.03 -1.79
C TRP A 177 -18.54 14.98 -0.70
N TRP A 178 -17.84 13.90 -1.07
CA TRP A 178 -17.51 12.86 -0.12
C TRP A 178 -16.61 13.49 0.95
N ILE A 179 -15.73 14.37 0.54
CA ILE A 179 -14.87 15.04 1.52
C ILE A 179 -15.67 15.90 2.50
N GLN A 180 -16.57 16.75 2.00
CA GLN A 180 -17.36 17.61 2.88
C GLN A 180 -18.36 16.75 3.71
N GLU A 181 -18.89 15.66 3.13
CA GLU A 181 -19.92 14.83 3.84
C GLU A 181 -19.42 13.87 4.87
N THR A 182 -18.24 13.29 4.68
CA THR A 182 -17.77 12.16 5.55
C THR A 182 -16.46 12.42 6.30
N ASP A 183 -15.73 13.43 5.90
CA ASP A 183 -14.51 13.87 6.54
C ASP A 183 -13.31 12.90 6.25
N ILE A 184 -13.36 12.11 5.18
CA ILE A 184 -12.18 11.27 4.80
C ILE A 184 -10.83 12.03 4.79
N ASP A 185 -9.70 11.34 4.84
CA ASP A 185 -8.42 12.08 4.83
C ASP A 185 -7.76 12.06 3.45
N GLY A 186 -8.20 11.18 2.55
CA GLY A 186 -7.54 11.16 1.28
C GLY A 186 -8.24 10.23 0.31
N TYR A 187 -7.76 10.31 -0.96
CA TYR A 187 -8.22 9.34 -2.00
C TYR A 187 -6.97 8.56 -2.51
N ARG A 188 -7.13 7.25 -2.68
CA ARG A 188 -6.26 6.49 -3.51
C ARG A 188 -6.92 6.61 -4.88
N LEU A 189 -6.16 7.11 -5.83
CA LEU A 189 -6.70 7.38 -7.17
C LEU A 189 -6.44 6.19 -8.13
N ASP A 190 -7.51 5.52 -8.54
CA ASP A 190 -7.47 4.36 -9.44
C ASP A 190 -7.06 4.85 -10.83
N THR A 191 -6.25 4.07 -11.54
CA THR A 191 -6.14 4.21 -13.05
C THR A 191 -5.68 5.59 -13.37
N VAL A 192 -4.71 6.05 -12.62
CA VAL A 192 -4.26 7.43 -12.75
C VAL A 192 -3.78 7.64 -14.22
N LYS A 193 -3.18 6.59 -14.77
CA LYS A 193 -2.44 6.72 -16.05
C LYS A 193 -3.41 6.75 -17.27
N HIS A 194 -4.68 6.50 -16.99
CA HIS A 194 -5.63 6.46 -18.05
C HIS A 194 -6.36 7.78 -18.20
N VAL A 195 -5.99 8.77 -17.39
CA VAL A 195 -6.67 10.06 -17.26
C VAL A 195 -5.58 11.18 -17.40
N PRO A 196 -5.88 12.24 -18.16
CA PRO A 196 -4.82 13.13 -18.54
C PRO A 196 -4.29 14.01 -17.42
N LYS A 197 -3.04 14.30 -17.54
CA LYS A 197 -2.40 15.06 -16.45
C LYS A 197 -3.05 16.38 -16.09
N TRP A 198 -3.53 17.13 -17.11
CA TRP A 198 -4.11 18.46 -16.87
C TRP A 198 -5.28 18.29 -15.92
N PHE A 199 -6.00 17.17 -16.01
CA PHE A 199 -7.13 16.88 -15.13
C PHE A 199 -6.68 16.66 -13.70
N TRP A 200 -5.63 15.90 -13.50
CA TRP A 200 -5.15 15.77 -12.13
C TRP A 200 -4.78 17.10 -11.44
N ASP A 201 -4.07 17.97 -12.14
CA ASP A 201 -3.77 19.31 -11.58
C ASP A 201 -5.02 20.01 -11.07
N GLU A 202 -6.10 19.88 -11.83
CA GLU A 202 -7.35 20.61 -11.50
C GLU A 202 -8.06 19.92 -10.38
N PHE A 203 -8.18 18.59 -10.53
CA PHE A 203 -8.63 17.71 -9.46
C PHE A 203 -7.97 17.94 -8.10
N ALA A 204 -6.64 17.94 -8.13
CA ALA A 204 -5.80 18.27 -6.99
C ALA A 204 -6.19 19.59 -6.39
N LYS A 205 -6.22 20.64 -7.25
CA LYS A 205 -6.72 21.97 -6.77
C LYS A 205 -8.11 21.93 -6.10
N GLU A 206 -9.02 21.18 -6.70
CA GLU A 206 -10.39 21.12 -6.23
C GLU A 206 -10.62 20.44 -4.91
N VAL A 207 -10.03 19.27 -4.69
CA VAL A 207 -10.13 18.60 -3.36
C VAL A 207 -9.43 19.30 -2.18
N LYS A 208 -8.25 19.86 -2.39
CA LYS A 208 -7.49 20.58 -1.33
C LYS A 208 -8.07 21.95 -1.09
N SER A 209 -8.82 22.44 -2.04
CA SER A 209 -9.55 23.69 -1.79
C SER A 209 -10.63 23.43 -0.69
N VAL A 210 -11.09 22.17 -0.58
CA VAL A 210 -12.08 21.79 0.43
C VAL A 210 -11.51 21.21 1.73
N LYS A 211 -10.33 20.59 1.70
CA LYS A 211 -9.66 20.15 2.90
C LYS A 211 -8.18 20.27 2.57
N GLN A 212 -7.51 21.24 3.21
CA GLN A 212 -6.16 21.71 2.78
C GLN A 212 -5.08 20.63 2.82
N ASP A 213 -5.18 19.71 3.75
CA ASP A 213 -4.17 18.69 3.80
C ASP A 213 -4.68 17.43 3.03
N PHE A 214 -5.75 17.59 2.22
CA PHE A 214 -6.29 16.35 1.64
C PHE A 214 -5.24 15.50 0.96
N PHE A 215 -5.09 14.26 1.42
CA PHE A 215 -4.04 13.42 0.81
C PHE A 215 -4.35 12.62 -0.54
N LEU A 216 -3.53 12.79 -1.58
CA LEU A 216 -3.77 11.98 -2.83
C LEU A 216 -2.69 10.91 -3.12
N LEU A 217 -3.07 9.65 -3.29
CA LEU A 217 -2.11 8.51 -3.46
C LEU A 217 -2.47 8.02 -4.75
N GLY A 218 -1.64 8.26 -5.79
CA GLY A 218 -2.14 7.86 -7.12
C GLY A 218 -1.64 6.49 -7.55
N GLU A 219 -2.52 5.71 -8.20
CA GLU A 219 -2.05 4.47 -8.84
C GLU A 219 -1.71 4.68 -10.33
N VAL A 220 -0.43 4.70 -10.62
CA VAL A 220 0.10 4.70 -11.99
C VAL A 220 0.76 3.34 -12.28
N TRP A 221 0.01 2.48 -12.91
CA TRP A 221 0.46 1.12 -13.17
C TRP A 221 1.58 1.07 -14.22
N HIS A 222 2.81 1.04 -13.74
CA HIS A 222 3.98 1.07 -14.60
C HIS A 222 5.19 0.82 -13.76
N ASP A 223 6.18 0.10 -14.28
CA ASP A 223 7.38 -0.18 -13.46
C ASP A 223 8.53 0.78 -13.82
N ASP A 224 8.25 1.81 -14.62
CA ASP A 224 9.30 2.78 -14.91
C ASP A 224 9.11 4.00 -14.03
N PRO A 225 10.01 4.17 -13.05
CA PRO A 225 9.80 5.33 -12.19
C PRO A 225 9.76 6.66 -12.94
N ARG A 226 10.50 6.76 -14.07
CA ARG A 226 10.49 7.97 -14.86
C ARG A 226 9.03 8.30 -15.32
N TYR A 227 8.28 7.28 -15.71
CA TYR A 227 6.88 7.47 -16.15
C TYR A 227 5.98 7.80 -14.94
N VAL A 228 6.14 7.06 -13.85
CA VAL A 228 5.35 7.23 -12.63
C VAL A 228 5.61 8.57 -12.02
N ALA A 229 6.92 8.92 -11.89
CA ALA A 229 7.29 10.19 -11.23
C ALA A 229 6.67 11.49 -11.83
N GLU A 230 6.41 11.51 -13.13
CA GLU A 230 5.74 12.66 -13.81
C GLU A 230 4.40 13.07 -13.12
N TYR A 231 3.71 12.08 -12.57
CA TYR A 231 2.37 12.29 -12.05
C TYR A 231 2.39 13.06 -10.79
N GLY A 232 3.54 12.95 -10.11
CA GLY A 232 3.76 13.60 -8.92
C GLY A 232 3.85 15.06 -9.15
N LYS A 233 4.05 15.44 -10.41
CA LYS A 233 4.20 16.84 -10.76
C LYS A 233 2.83 17.42 -11.11
N HIS A 234 1.76 16.68 -10.90
CA HIS A 234 0.40 17.13 -11.25
C HIS A 234 -0.55 17.05 -10.07
N GLY A 235 -0.05 17.44 -8.92
CA GLY A 235 -0.91 17.58 -7.74
C GLY A 235 -1.13 16.28 -6.99
N ILE A 236 -0.55 15.19 -7.48
CA ILE A 236 -0.67 13.94 -6.70
C ILE A 236 0.47 13.77 -5.70
N ASP A 237 0.16 13.67 -4.39
CA ASP A 237 1.21 13.85 -3.32
C ASP A 237 2.08 12.57 -3.32
N ALA A 238 1.43 11.41 -3.44
CA ALA A 238 2.14 10.13 -3.35
C ALA A 238 1.68 9.24 -4.48
N LEU A 239 2.54 8.25 -4.85
CA LEU A 239 2.26 7.33 -5.92
C LEU A 239 2.58 6.00 -5.38
N ILE A 240 1.88 5.03 -5.93
CA ILE A 240 2.12 3.66 -5.64
C ILE A 240 3.43 3.20 -6.31
N ASP A 241 4.35 2.68 -5.48
CA ASP A 241 5.67 2.29 -5.96
C ASP A 241 5.69 0.83 -6.52
N PHE A 242 5.19 0.69 -7.72
CA PHE A 242 5.33 -0.57 -8.46
C PHE A 242 6.83 -0.98 -8.69
N PRO A 243 7.79 -0.05 -9.04
CA PRO A 243 9.20 -0.49 -9.13
C PRO A 243 9.70 -1.16 -7.79
N PHE A 244 9.39 -0.58 -6.64
CA PHE A 244 9.65 -1.22 -5.36
C PHE A 244 9.03 -2.61 -5.36
N TYR A 245 7.72 -2.68 -5.62
CA TYR A 245 6.98 -3.97 -5.58
C TYR A 245 7.60 -5.03 -6.46
N LYS A 246 7.90 -4.70 -7.69
CA LYS A 246 8.44 -5.66 -8.59
C LYS A 246 9.73 -6.26 -8.05
N GLU A 247 10.62 -5.41 -7.48
CA GLU A 247 11.78 -5.96 -6.82
C GLU A 247 11.52 -6.64 -5.52
N ALA A 248 10.68 -6.09 -4.71
CA ALA A 248 10.55 -6.68 -3.36
C ALA A 248 9.82 -8.02 -3.42
N SER A 249 8.72 -8.00 -4.19
CA SER A 249 8.06 -9.27 -4.34
C SER A 249 8.99 -10.43 -4.73
N THR A 250 9.80 -10.32 -5.81
CA THR A 250 10.66 -11.36 -6.38
C THR A 250 11.77 -11.67 -5.43
N ILE A 251 12.37 -10.63 -4.86
CA ILE A 251 13.57 -10.90 -4.06
C ILE A 251 13.17 -11.64 -2.76
N PHE A 252 12.07 -11.22 -2.11
CA PHE A 252 11.84 -11.77 -0.75
C PHE A 252 11.10 -13.08 -0.79
N SER A 253 10.51 -13.40 -1.92
CA SER A 253 9.89 -14.73 -2.09
C SER A 253 10.86 -15.92 -2.32
N ASN A 254 12.15 -15.72 -2.36
CA ASN A 254 13.08 -16.83 -2.32
C ASN A 254 14.41 -16.48 -1.63
N VAL A 255 15.08 -17.49 -1.07
CA VAL A 255 16.34 -17.24 -0.29
C VAL A 255 17.48 -17.06 -1.30
N ASP A 256 18.61 -16.52 -0.89
CA ASP A 256 19.83 -16.32 -1.75
C ASP A 256 19.61 -15.41 -2.91
N GLN A 257 18.76 -14.40 -2.71
CA GLN A 257 18.64 -13.31 -3.69
C GLN A 257 19.06 -11.93 -3.09
N SER A 258 19.94 -11.28 -3.83
CA SER A 258 20.47 -9.97 -3.54
C SER A 258 19.38 -8.96 -3.35
N LEU A 259 19.50 -8.24 -2.23
CA LEU A 259 18.65 -7.10 -1.91
C LEU A 259 19.09 -5.83 -2.62
N GLU A 260 20.23 -5.86 -3.28
CA GLU A 260 20.73 -4.63 -3.93
C GLU A 260 19.77 -3.87 -4.87
N PRO A 261 18.98 -4.56 -5.75
CA PRO A 261 18.01 -3.87 -6.59
C PRO A 261 17.02 -2.95 -5.88
N LEU A 262 16.65 -3.31 -4.66
CA LEU A 262 15.84 -2.48 -3.83
C LEU A 262 16.49 -1.19 -3.44
N TYR A 263 17.80 -1.21 -3.23
CA TYR A 263 18.48 0.07 -2.92
C TYR A 263 18.60 0.97 -4.19
N ASN A 264 18.87 0.42 -5.34
CA ASN A 264 18.75 1.20 -6.59
C ASN A 264 17.36 1.82 -6.91
N VAL A 265 16.29 1.10 -6.52
CA VAL A 265 14.91 1.62 -6.57
C VAL A 265 14.90 2.90 -5.66
N TRP A 266 15.40 2.79 -4.43
CA TRP A 266 15.70 3.99 -3.62
C TRP A 266 16.42 5.13 -4.31
N LYS A 267 17.59 4.88 -4.83
CA LYS A 267 18.35 5.93 -5.43
C LYS A 267 17.61 6.54 -6.60
N ARG A 268 16.90 5.69 -7.31
CA ARG A 268 16.10 6.21 -8.40
C ARG A 268 14.88 6.98 -7.94
N ASN A 269 14.35 6.68 -6.76
CA ASN A 269 13.27 7.40 -6.24
C ASN A 269 13.71 8.78 -5.82
N VAL A 270 14.96 8.85 -5.29
CA VAL A 270 15.58 10.15 -4.92
C VAL A 270 15.83 10.98 -6.17
N ALA A 271 16.23 10.28 -7.22
CA ALA A 271 16.57 10.93 -8.51
C ALA A 271 15.39 11.56 -9.19
N PHE A 272 14.29 10.83 -9.28
CA PHE A 272 13.22 11.14 -10.14
C PHE A 272 12.04 11.79 -9.51
N TYR A 273 11.80 11.54 -8.23
CA TYR A 273 10.58 12.12 -7.61
C TYR A 273 10.83 13.30 -6.72
N GLU A 274 9.93 14.28 -6.77
CA GLU A 274 10.06 15.43 -5.88
C GLU A 274 9.92 14.97 -4.44
N ARG A 275 9.09 13.93 -4.22
CA ARG A 275 8.73 13.48 -2.83
C ARG A 275 8.99 11.98 -2.64
N PRO A 276 10.29 11.57 -2.55
CA PRO A 276 10.64 10.15 -2.62
C PRO A 276 10.19 9.41 -1.41
N TYR A 277 9.79 10.07 -0.35
CA TYR A 277 9.32 9.30 0.75
C TYR A 277 7.84 8.96 0.67
N LEU A 278 7.12 9.65 -0.21
CA LEU A 278 5.69 9.51 -0.31
C LEU A 278 5.37 8.63 -1.52
N LEU A 279 5.81 7.38 -1.40
CA LEU A 279 5.73 6.40 -2.40
C LEU A 279 5.22 5.20 -1.67
N GLY A 280 4.03 4.68 -2.02
CA GLY A 280 3.50 3.57 -1.29
C GLY A 280 4.17 2.22 -1.65
N THR A 281 4.73 1.57 -0.65
CA THR A 281 5.52 0.36 -0.90
C THR A 281 4.69 -0.79 -0.42
N PHE A 282 4.86 -1.98 -1.06
CA PHE A 282 4.08 -3.18 -0.79
C PHE A 282 4.78 -4.39 -1.38
N LEU A 283 4.32 -5.55 -0.93
CA LEU A 283 4.72 -6.86 -1.35
C LEU A 283 3.74 -7.48 -2.33
N ASP A 284 2.49 -6.99 -2.26
CA ASP A 284 1.39 -7.48 -3.08
C ASP A 284 0.25 -6.52 -2.90
N ASN A 285 -0.79 -6.75 -3.70
CA ASN A 285 -1.97 -6.02 -3.61
C ASN A 285 -3.03 -6.76 -4.32
N HIS A 286 -4.17 -6.13 -4.47
CA HIS A 286 -5.32 -6.83 -5.02
C HIS A 286 -5.29 -7.10 -6.53
N ASP A 287 -4.30 -6.59 -7.21
CA ASP A 287 -4.14 -6.82 -8.63
C ASP A 287 -2.96 -7.69 -8.84
N THR A 288 -2.34 -8.24 -7.80
CA THR A 288 -1.13 -9.09 -8.01
C THR A 288 -1.37 -10.44 -7.43
N VAL A 289 -0.66 -11.43 -7.90
CA VAL A 289 -0.58 -12.71 -7.16
C VAL A 289 -0.21 -12.50 -5.69
N ARG A 290 -0.75 -13.28 -4.74
CA ARG A 290 -0.31 -13.05 -3.31
C ARG A 290 1.14 -13.29 -3.07
N PHE A 291 1.80 -12.47 -2.26
CA PHE A 291 3.19 -12.82 -2.06
C PHE A 291 3.38 -14.25 -1.48
N THR A 292 2.47 -14.67 -0.59
CA THR A 292 2.53 -16.04 -0.13
C THR A 292 2.50 -17.08 -1.30
N ARG A 293 1.77 -16.79 -2.35
CA ARG A 293 1.76 -17.73 -3.48
C ARG A 293 3.13 -17.67 -4.14
N LEU A 294 3.81 -16.51 -4.16
CA LEU A 294 5.17 -16.58 -4.77
C LEU A 294 6.07 -17.48 -3.96
N ALA A 295 5.93 -17.43 -2.62
CA ALA A 295 6.69 -18.28 -1.72
C ALA A 295 6.31 -19.76 -2.03
N LEU A 296 5.02 -20.06 -2.10
CA LEU A 296 4.60 -21.49 -2.37
C LEU A 296 5.13 -22.09 -3.69
N GLN A 297 5.06 -21.28 -4.74
CA GLN A 297 5.72 -21.53 -6.04
C GLN A 297 7.18 -21.88 -5.95
N ASN A 298 7.94 -21.18 -5.14
CA ASN A 298 9.32 -21.57 -4.92
C ASN A 298 9.53 -22.67 -3.90
N ARG A 299 8.43 -23.27 -3.42
CA ARG A 299 8.48 -24.36 -2.46
C ARG A 299 9.37 -24.02 -1.29
N ILE A 300 9.07 -22.93 -0.64
CA ILE A 300 9.86 -22.47 0.50
C ILE A 300 8.80 -21.97 1.49
N ASN A 301 9.14 -21.94 2.78
CA ASN A 301 8.15 -21.62 3.83
C ASN A 301 7.73 -20.15 3.65
N PRO A 302 6.43 -19.86 3.38
CA PRO A 302 6.07 -18.44 3.21
C PRO A 302 6.20 -17.61 4.47
N VAL A 303 6.10 -18.22 5.68
CA VAL A 303 6.20 -17.38 6.89
C VAL A 303 7.57 -16.70 7.01
N THR A 304 8.62 -17.43 6.69
CA THR A 304 9.96 -16.92 6.84
C THR A 304 10.20 -15.92 5.71
N ARG A 305 9.66 -16.17 4.49
CA ARG A 305 9.71 -15.18 3.41
C ARG A 305 9.06 -13.84 3.78
N LEU A 306 7.82 -13.92 4.37
CA LEU A 306 7.08 -12.77 4.78
C LEU A 306 7.90 -11.97 5.89
N LYS A 307 8.44 -12.63 6.89
CA LYS A 307 9.23 -11.95 7.94
C LYS A 307 10.32 -11.10 7.31
N LEU A 308 11.08 -11.67 6.39
CA LEU A 308 12.15 -10.87 5.71
C LEU A 308 11.61 -9.68 4.90
N GLY A 309 10.66 -9.93 3.99
CA GLY A 309 10.00 -8.90 3.24
C GLY A 309 9.40 -7.83 4.11
N LEU A 310 8.67 -8.23 5.18
CA LEU A 310 7.93 -7.19 5.93
C LEU A 310 8.93 -6.42 6.74
N THR A 311 10.02 -7.09 7.13
CA THR A 311 11.12 -6.36 7.79
C THR A 311 11.61 -5.24 6.92
N TYR A 312 11.92 -5.56 5.69
CA TYR A 312 12.39 -4.53 4.79
C TYR A 312 11.27 -3.50 4.58
N LEU A 313 10.04 -3.97 4.32
CA LEU A 313 8.93 -3.00 4.10
C LEU A 313 8.86 -1.97 5.22
N PHE A 314 8.91 -2.44 6.45
CA PHE A 314 8.74 -1.59 7.59
C PHE A 314 9.99 -0.84 7.99
N SER A 315 11.12 -1.00 7.29
CA SER A 315 12.36 -0.32 7.72
CA SER A 315 12.42 -0.41 7.68
C SER A 315 12.92 0.54 6.60
N ALA A 316 12.40 0.38 5.40
CA ALA A 316 12.85 1.14 4.21
C ALA A 316 11.93 2.40 4.05
N PRO A 317 12.43 3.39 3.25
CA PRO A 317 11.73 4.63 2.93
C PRO A 317 10.41 4.35 2.24
N GLY A 318 9.43 5.21 2.46
CA GLY A 318 8.21 5.18 1.71
C GLY A 318 7.09 4.93 2.75
N ILE A 319 5.93 4.57 2.27
CA ILE A 319 4.75 4.52 3.11
C ILE A 319 4.35 3.02 2.97
N PRO A 320 4.56 2.18 4.02
CA PRO A 320 4.16 0.78 3.91
C PRO A 320 2.67 0.61 3.69
N ILE A 321 2.29 -0.35 2.80
CA ILE A 321 0.87 -0.61 2.45
C ILE A 321 0.78 -2.14 2.51
N MET A 322 0.19 -2.63 3.59
CA MET A 322 0.07 -4.07 3.76
C MET A 322 -1.38 -4.45 3.37
N TYR A 323 -1.54 -5.29 2.39
CA TYR A 323 -2.83 -5.81 1.97
C TYR A 323 -3.35 -6.71 3.07
N TYR A 324 -4.63 -6.59 3.38
CA TYR A 324 -5.33 -7.43 4.46
C TYR A 324 -5.01 -8.89 4.14
N GLY A 325 -4.67 -9.67 5.13
CA GLY A 325 -4.24 -11.00 4.76
C GLY A 325 -2.76 -11.37 4.74
N THR A 326 -1.96 -10.42 4.40
CA THR A 326 -0.50 -10.58 4.48
C THR A 326 -0.04 -11.14 5.86
N GLU A 327 -0.72 -10.68 6.90
CA GLU A 327 -0.37 -11.01 8.27
C GLU A 327 -0.86 -12.37 8.69
N ILE A 328 -1.64 -13.01 7.80
CA ILE A 328 -1.82 -14.41 7.96
C ILE A 328 -1.27 -15.32 6.93
N ALA A 329 -0.30 -14.89 6.11
CA ALA A 329 0.19 -15.70 4.97
C ALA A 329 -1.00 -16.20 4.08
N LEU A 330 -1.95 -15.28 3.80
CA LEU A 330 -3.01 -15.60 2.90
C LEU A 330 -2.56 -15.90 1.50
N ASP A 331 -2.88 -17.12 1.08
CA ASP A 331 -2.54 -17.59 -0.24
C ASP A 331 -3.50 -17.06 -1.31
N GLY A 332 -3.03 -16.96 -2.55
CA GLY A 332 -3.90 -16.55 -3.61
C GLY A 332 -3.19 -16.30 -4.91
N GLY A 333 -3.68 -16.92 -6.00
CA GLY A 333 -3.19 -16.63 -7.34
C GLY A 333 -3.77 -15.38 -7.91
N GLU A 334 -3.72 -15.30 -9.22
CA GLU A 334 -4.34 -14.15 -9.89
C GLU A 334 -5.79 -13.87 -9.48
N ASP A 335 -6.12 -12.58 -9.40
CA ASP A 335 -7.48 -12.03 -9.33
C ASP A 335 -8.34 -12.94 -10.20
N PRO A 336 -9.42 -13.47 -9.60
CA PRO A 336 -9.87 -13.02 -8.27
C PRO A 336 -9.35 -13.76 -7.06
N ASP A 337 -8.45 -14.71 -7.30
CA ASP A 337 -8.05 -15.65 -6.29
C ASP A 337 -7.15 -15.04 -5.20
N ASN A 338 -6.67 -13.81 -5.44
CA ASN A 338 -5.92 -12.97 -4.47
C ASN A 338 -6.83 -12.23 -3.51
N ARG A 339 -8.14 -12.45 -3.64
CA ARG A 339 -9.12 -11.68 -2.89
C ARG A 339 -9.96 -12.56 -2.00
N ARG A 340 -9.34 -13.55 -1.36
CA ARG A 340 -10.02 -14.43 -0.43
C ARG A 340 -10.54 -13.77 0.87
N LEU A 341 -11.72 -14.21 1.36
CA LEU A 341 -12.10 -13.83 2.74
C LEU A 341 -10.96 -13.88 3.75
N MET A 342 -10.79 -12.75 4.45
CA MET A 342 -9.89 -12.69 5.62
C MET A 342 -10.34 -13.76 6.66
N ASN A 343 -9.38 -14.30 7.39
CA ASN A 343 -9.59 -15.32 8.41
C ASN A 343 -8.94 -14.65 9.64
N PHE A 344 -9.69 -14.56 10.72
CA PHE A 344 -9.21 -13.96 11.93
C PHE A 344 -8.77 -15.01 12.98
N ARG A 345 -8.85 -16.29 12.69
CA ARG A 345 -8.58 -17.31 13.74
C ARG A 345 -7.43 -18.20 13.32
N THR A 346 -6.31 -17.62 12.92
CA THR A 346 -5.18 -18.37 12.47
C THR A 346 -4.12 -18.18 13.55
N ASP A 347 -3.04 -18.93 13.41
CA ASP A 347 -1.80 -18.64 14.12
CA ASP A 347 -1.74 -18.63 14.04
C ASP A 347 -1.47 -17.12 14.13
N LYS A 348 -0.82 -16.67 15.21
CA LYS A 348 -0.56 -15.24 15.34
C LYS A 348 0.89 -14.91 15.07
N GLU A 349 1.73 -15.87 14.66
CA GLU A 349 3.18 -15.51 14.46
C GLU A 349 3.45 -14.21 13.61
N LEU A 350 2.86 -14.12 12.43
CA LEU A 350 3.07 -12.99 11.57
C LEU A 350 2.26 -11.76 12.11
N ILE A 351 1.13 -11.92 12.82
CA ILE A 351 0.35 -10.79 13.34
C ILE A 351 1.30 -10.10 14.40
N ASP A 352 1.94 -10.88 15.26
CA ASP A 352 2.82 -10.34 16.30
C ASP A 352 4.12 -9.81 15.71
N TYR A 353 4.61 -10.47 14.70
CA TYR A 353 5.79 -9.94 14.02
C TYR A 353 5.50 -8.63 13.37
N VAL A 354 4.43 -8.55 12.55
CA VAL A 354 4.00 -7.23 12.08
C VAL A 354 3.79 -6.20 13.21
N THR A 355 3.17 -6.60 14.30
CA THR A 355 2.95 -5.66 15.38
C THR A 355 4.30 -5.11 15.85
N LYS A 356 5.33 -5.94 15.96
CA LYS A 356 6.62 -5.43 16.44
C LYS A 356 7.15 -4.42 15.40
N LEU A 357 7.04 -4.81 14.13
CA LEU A 357 7.55 -3.93 13.08
C LEU A 357 6.94 -2.56 13.11
N GLY A 358 5.62 -2.54 13.22
CA GLY A 358 4.94 -1.23 13.21
C GLY A 358 5.28 -0.44 14.44
N GLU A 359 5.39 -1.08 15.62
CA GLU A 359 6.02 -0.45 16.81
C GLU A 359 7.35 0.16 16.60
N LEU A 360 8.22 -0.58 15.93
CA LEU A 360 9.58 -0.08 15.72
C LEU A 360 9.61 1.08 14.69
N ARG A 361 8.82 0.95 13.62
CA ARG A 361 8.65 2.08 12.70
C ARG A 361 8.02 3.30 13.39
N ALA A 362 7.07 3.12 14.30
CA ALA A 362 6.52 4.24 15.11
C ALA A 362 7.60 4.94 16.02
N LYS A 363 8.42 4.13 16.65
CA LYS A 363 9.31 4.51 17.71
C LYS A 363 10.56 5.13 17.15
N LEU A 364 10.96 4.66 15.98
CA LEU A 364 12.25 4.94 15.49
C LEU A 364 12.02 5.86 14.30
N PRO A 365 12.17 7.19 14.55
CA PRO A 365 11.93 8.14 13.50
C PRO A 365 12.99 8.04 12.37
N SER A 366 14.13 7.43 12.64
CA SER A 366 15.05 7.01 11.52
C SER A 366 14.37 6.10 10.49
N LEU A 367 13.40 5.28 10.89
CA LEU A 367 12.63 4.40 9.90
C LEU A 367 11.51 5.21 9.14
N ARG A 368 11.20 6.44 9.56
CA ARG A 368 10.05 7.13 8.91
C ARG A 368 10.59 8.34 8.13
N ARG A 369 11.72 8.83 8.55
CA ARG A 369 12.26 10.07 8.14
C ARG A 369 13.74 10.05 7.85
N GLY A 370 14.48 9.00 8.28
CA GLY A 370 15.95 8.96 8.20
C GLY A 370 16.44 8.88 6.74
N ASP A 371 17.74 9.12 6.53
CA ASP A 371 18.35 8.87 5.21
C ASP A 371 18.40 7.35 5.12
N PHE A 372 18.95 6.81 4.03
CA PHE A 372 18.92 5.37 3.77
C PHE A 372 20.15 4.98 3.02
N GLU A 373 21.04 4.28 3.71
CA GLU A 373 22.36 4.01 3.17
C GLU A 373 22.53 2.51 3.07
N LEU A 374 23.17 2.08 2.02
CA LEU A 374 23.52 0.65 1.88
C LEU A 374 24.98 0.43 2.39
N LEU A 375 25.13 -0.29 3.46
CA LEU A 375 26.49 -0.48 4.01
C LEU A 375 27.15 -1.72 3.39
N TYR A 376 26.35 -2.70 2.96
CA TYR A 376 26.88 -4.02 2.66
C TYR A 376 25.79 -4.78 1.94
N GLU A 377 26.17 -5.46 0.88
CA GLU A 377 25.23 -6.42 0.20
C GLU A 377 25.98 -7.50 -0.48
N LYS A 378 25.84 -8.70 0.08
CA LYS A 378 26.28 -9.83 -0.69
C LYS A 378 25.26 -10.98 -0.82
N ASP A 379 24.85 -11.25 -2.06
CA ASP A 379 24.11 -12.48 -2.34
C ASP A 379 22.88 -12.66 -1.42
N GLY A 380 22.39 -11.54 -0.84
CA GLY A 380 21.20 -11.61 0.02
C GLY A 380 21.43 -11.14 1.45
N MET A 381 22.68 -11.14 1.91
CA MET A 381 23.01 -10.63 3.19
C MET A 381 23.16 -9.12 3.00
N ALA A 382 22.27 -8.37 3.64
CA ALA A 382 22.30 -6.94 3.43
C ALA A 382 22.30 -6.21 4.76
N LEU A 383 23.03 -5.09 4.79
CA LEU A 383 23.07 -4.14 5.92
C LEU A 383 22.84 -2.71 5.42
N PHE A 384 21.81 -2.08 5.99
CA PHE A 384 21.40 -0.70 5.74
C PHE A 384 21.55 0.17 6.98
N LYS A 385 21.79 1.44 6.73
CA LYS A 385 21.97 2.34 7.87
C LYS A 385 21.03 3.52 7.63
N ARG A 386 20.40 4.01 8.71
CA ARG A 386 19.49 5.15 8.59
C ARG A 386 19.66 6.06 9.76
N THR A 387 19.89 7.34 9.46
CA THR A 387 20.14 8.34 10.55
C THR A 387 19.11 9.44 10.56
N TYR A 388 18.65 9.78 11.77
CA TYR A 388 17.78 10.91 11.90
C TYR A 388 18.02 11.60 13.18
N GLU A 389 18.37 12.85 13.04
CA GLU A 389 18.86 13.69 14.12
C GLU A 389 19.87 12.93 15.01
N LYS A 390 19.56 12.59 16.26
CA LYS A 390 20.58 11.80 16.99
C LYS A 390 20.39 10.30 16.91
N GLU A 391 19.51 9.85 16.03
CA GLU A 391 19.28 8.39 15.99
C GLU A 391 19.97 7.80 14.81
N THR A 392 20.68 6.70 15.05
CA THR A 392 21.21 5.89 13.98
C THR A 392 20.67 4.47 14.12
N THR A 393 20.09 3.92 13.05
CA THR A 393 19.55 2.52 13.08
C THR A 393 20.26 1.67 12.04
N VAL A 394 20.41 0.36 12.26
CA VAL A 394 21.09 -0.55 11.28
C VAL A 394 20.09 -1.73 11.08
N ILE A 395 19.64 -1.84 9.85
CA ILE A 395 18.79 -2.94 9.42
C ILE A 395 19.66 -4.01 8.79
N ALA A 396 19.60 -5.19 9.37
CA ALA A 396 20.33 -6.37 8.86
C ALA A 396 19.34 -7.42 8.47
N ILE A 397 19.40 -7.83 7.22
CA ILE A 397 18.57 -8.88 6.71
C ILE A 397 19.44 -9.91 6.06
N ASN A 398 19.45 -11.07 6.65
CA ASN A 398 20.12 -12.17 6.01
C ASN A 398 19.13 -12.98 5.13
N ASN A 399 19.07 -12.63 3.85
CA ASN A 399 18.26 -13.46 2.89
C ASN A 399 19.12 -14.48 2.21
N THR A 400 19.92 -15.21 2.97
CA THR A 400 20.77 -16.27 2.41
C THR A 400 20.54 -17.49 3.28
N SER A 401 20.95 -18.61 2.73
CA SER A 401 20.75 -19.92 3.40
C SER A 401 21.88 -20.30 4.35
N LYS A 402 22.67 -19.33 4.77
CA LYS A 402 23.85 -19.60 5.55
C LYS A 402 23.93 -18.62 6.69
N THR A 403 24.54 -19.05 7.78
CA THR A 403 24.91 -18.07 8.82
C THR A 403 25.88 -17.00 8.28
N GLN A 404 25.58 -15.73 8.46
CA GLN A 404 26.46 -14.68 7.94
C GLN A 404 27.11 -13.82 9.01
N LYS A 405 28.39 -13.51 8.83
CA LYS A 405 29.06 -12.60 9.76
C LYS A 405 29.58 -11.46 8.91
N VAL A 406 29.21 -10.24 9.23
CA VAL A 406 29.74 -9.10 8.49
C VAL A 406 30.29 -8.16 9.54
N THR A 407 31.54 -7.71 9.35
CA THR A 407 32.19 -6.83 10.33
C THR A 407 32.07 -5.38 9.77
N LEU A 408 31.38 -4.52 10.49
CA LEU A 408 31.44 -3.10 10.13
C LEU A 408 32.64 -2.43 10.89
N ASP A 409 33.37 -1.54 10.24
CA ASP A 409 34.72 -1.08 10.72
C ASP A 409 34.91 0.28 10.10
N GLY A 410 34.27 1.26 10.76
CA GLY A 410 34.27 2.65 10.33
C GLY A 410 32.92 3.16 9.83
N GLU A 411 32.03 2.27 9.35
CA GLU A 411 30.69 2.67 8.97
C GLU A 411 29.83 3.09 10.16
N LEU A 412 30.11 2.57 11.36
CA LEU A 412 29.52 3.18 12.58
C LEU A 412 30.52 3.80 13.53
N GLU A 413 30.08 4.85 14.20
CA GLU A 413 30.80 5.43 15.34
C GLU A 413 31.24 4.36 16.34
N GLN A 414 32.48 4.47 16.75
CA GLN A 414 33.12 3.40 17.46
C GLN A 414 32.67 3.42 18.95
N GLY A 415 32.91 2.33 19.68
CA GLY A 415 32.63 2.28 21.16
C GLY A 415 31.19 2.26 21.64
N LYS A 416 30.25 1.91 20.75
CA LYS A 416 28.85 1.86 21.11
C LYS A 416 28.44 0.41 21.11
N GLU A 417 27.13 0.11 21.18
CA GLU A 417 26.67 -1.24 20.80
C GLU A 417 25.42 -1.07 19.97
N LEU A 418 25.08 -2.12 19.22
CA LEU A 418 23.81 -2.18 18.42
C LEU A 418 22.91 -3.11 19.21
N ARG A 419 21.76 -2.55 19.60
CA ARG A 419 20.76 -3.22 20.38
C ARG A 419 19.62 -3.62 19.36
N GLY A 420 19.47 -4.89 19.24
CA GLY A 420 18.53 -5.52 18.28
C GLY A 420 17.19 -5.49 18.85
N LEU A 421 16.33 -4.64 18.26
CA LEU A 421 15.08 -4.28 18.83
C LEU A 421 14.04 -5.22 18.24
N LEU A 422 14.38 -5.99 17.22
CA LEU A 422 13.35 -6.86 16.58
C LEU A 422 13.38 -8.28 17.15
N ALA A 423 14.60 -8.82 17.36
CA ALA A 423 14.82 -10.13 17.98
C ALA A 423 15.88 -10.16 19.14
N GLY A 424 16.33 -9.02 19.69
CA GLY A 424 17.14 -9.13 20.96
C GLY A 424 18.61 -9.40 20.78
N ASP A 425 19.12 -9.20 19.56
CA ASP A 425 20.54 -9.33 19.38
C ASP A 425 21.27 -8.14 19.99
N LEU A 426 22.57 -8.34 20.21
CA LEU A 426 23.52 -7.37 20.79
C LEU A 426 24.86 -7.52 20.05
N VAL A 427 25.37 -6.38 19.58
CA VAL A 427 26.65 -6.31 18.88
C VAL A 427 27.43 -5.12 19.48
N ARG A 428 28.50 -5.45 20.17
CA ARG A 428 29.26 -4.45 20.96
C ARG A 428 30.49 -4.16 20.17
N SER A 429 30.85 -2.85 20.04
CA SER A 429 32.05 -2.38 19.32
C SER A 429 33.12 -3.08 20.08
N LYS A 430 34.07 -3.69 19.37
CA LYS A 430 35.26 -4.29 19.96
C LYS A 430 36.34 -3.89 19.00
N ASP A 431 37.04 -2.84 19.41
CA ASP A 431 38.17 -2.28 18.72
C ASP A 431 37.73 -1.57 17.44
N GLY A 432 36.76 -0.68 17.60
CA GLY A 432 36.14 -0.02 16.48
C GLY A 432 35.20 -0.89 15.65
N LYS A 433 35.38 -2.21 15.65
CA LYS A 433 34.56 -3.09 14.79
C LYS A 433 33.22 -3.58 15.36
N TYR A 434 32.17 -3.64 14.52
CA TYR A 434 30.88 -4.33 14.93
C TYR A 434 30.77 -5.61 14.12
N ASP A 435 30.80 -6.79 14.77
CA ASP A 435 30.70 -8.04 14.07
C ASP A 435 29.25 -8.51 14.05
N ILE A 436 28.61 -8.43 12.90
CA ILE A 436 27.17 -8.64 12.90
C ILE A 436 26.98 -10.07 12.48
N ILE A 437 26.32 -10.85 13.33
CA ILE A 437 26.19 -12.26 12.97
C ILE A 437 24.71 -12.60 12.86
N LEU A 438 24.25 -13.02 11.72
CA LEU A 438 22.88 -13.47 11.57
C LEU A 438 22.86 -14.90 11.08
N ASP A 439 22.03 -15.69 11.71
CA ASP A 439 21.72 -17.02 11.27
C ASP A 439 20.84 -16.93 10.02
N ARG A 440 20.79 -18.02 9.29
CA ARG A 440 20.15 -18.05 8.01
C ARG A 440 18.75 -17.46 8.10
N GLU A 441 18.38 -16.72 7.06
CA GLU A 441 16.98 -16.21 6.84
C GLU A 441 16.39 -15.57 8.09
N THR A 442 17.21 -14.70 8.74
CA THR A 442 16.71 -13.90 9.82
C THR A 442 16.94 -12.43 9.58
N ALA A 443 16.34 -11.63 10.42
CA ALA A 443 16.47 -10.22 10.26
C ALA A 443 16.55 -9.54 11.62
N GLU A 444 17.24 -8.40 11.65
CA GLU A 444 17.33 -7.65 12.88
C GLU A 444 17.31 -6.15 12.61
N ILE A 445 16.82 -5.41 13.58
CA ILE A 445 16.80 -3.95 13.48
C ILE A 445 17.42 -3.48 14.76
N TYR A 446 18.56 -2.79 14.64
CA TYR A 446 19.38 -2.32 15.74
C TYR A 446 19.34 -0.86 15.86
N VAL A 447 19.27 -0.36 17.07
CA VAL A 447 19.51 1.04 17.28
C VAL A 447 20.92 1.14 17.88
N LEU A 448 21.70 2.13 17.42
CA LEU A 448 23.09 2.26 17.90
C LEU A 448 23.03 3.02 19.22
N ALA A 449 23.66 2.50 20.27
CA ALA A 449 23.37 2.99 21.62
C ALA A 449 24.57 2.92 22.58
N PRO A 450 24.56 3.61 23.72
CA PRO A 450 25.78 3.58 24.57
C PRO A 450 26.10 2.15 25.09
N LYS A 451 27.37 1.72 25.14
CA LYS A 451 27.72 0.39 25.66
C LYS A 451 26.96 0.00 26.97
N THR A 452 26.71 -1.28 27.19
CA THR A 452 26.24 -1.83 28.45
C THR A 452 26.98 -3.09 28.82
N GLY A 453 26.47 -3.75 29.84
CA GLY A 453 27.21 -4.85 30.44
C GLY A 453 26.65 -5.25 31.81
N LEU A 454 27.32 -6.21 32.46
CA LEU A 454 26.88 -6.68 33.75
C LEU A 454 27.35 -5.74 34.87
#